data_4RUJ
#
_entry.id   4RUJ
#
_cell.length_a   65.851
_cell.length_b   65.851
_cell.length_c   264.373
_cell.angle_alpha   90.00
_cell.angle_beta   90.00
_cell.angle_gamma   120.00
#
_symmetry.space_group_name_H-M   'P 65 2 2'
#
loop_
_entity.id
_entity.type
_entity.pdbx_description
1 polymer 'Vitamin D3 receptor A'
2 polymer 'Nuclear receptor coactivator 1'
3 non-polymer 5-{2-[1-(5-HYDROXY-1,5-DIMETHYL-HEXYL)-7A-METHYL-OCTAHYDRO-INDEN-4-YLIDENE]-ETHYLIDENE}-4-METHYLENE-CYCLOHEXANE-1,3-DIOL
4 water water
#
loop_
_entity_poly.entity_id
_entity_poly.type
_entity_poly.pdbx_seq_one_letter_code
_entity_poly.pdbx_strand_id
1 'polypeptide(L)'
;GSHMLSDEQMQIINSLVEAHHKTYDDSYSDFVRFRPPVREGPVTRSASRAASLHSLSDASSDSFNHSPESVDTKLNFSNL
LMMYQDSGSPDSSEEDQQSRLSMLPHLADLVSYSIQKVIGFAKMIPGFRDLTAEDQIALLKSSAIEIIMLRSNQSFSLED
MSWSCGGPDFKYCINDVTKAGHTLEHLEPLVKFQVGLKKLKLHEEEHVLLMAICLLSPDRPGVQDHVRIEALQDRLCDVL
QAYIRIQHPGGRLLYAKMIQKLADLRSLNEEHSKQYRSLSFQPEHSMQLTPLVLEVFGSEVS
;
A
2 'polypeptide(L)' RHKILHRLLQEGSPS B
#
loop_
_chem_comp.id
_chem_comp.type
_chem_comp.name
_chem_comp.formula
VDX non-polymer 5-{2-[1-(5-HYDROXY-1,5-DIMETHYL-HEXYL)-7A-METHYL-OCTAHYDRO-INDEN-4-YLIDENE]-ETHYLIDENE}-4-METHYLENE-CYCLOHEXANE-1,3-DIOL 'C27 H44 O3'
#
# COMPACT_ATOMS: atom_id res chain seq x y z
N HIS A 3 -7.71 27.45 -12.60
CA HIS A 3 -8.04 26.70 -13.82
C HIS A 3 -6.79 26.07 -14.44
N MET A 4 -5.66 26.21 -13.75
CA MET A 4 -4.39 25.67 -14.24
C MET A 4 -3.50 25.24 -13.08
N LEU A 5 -2.87 24.09 -13.23
CA LEU A 5 -1.98 23.57 -12.19
C LEU A 5 -0.71 24.40 -12.09
N SER A 6 -0.30 24.68 -10.86
CA SER A 6 0.89 25.51 -10.62
C SER A 6 2.17 24.78 -10.95
N ASP A 7 3.27 25.54 -10.99
CA ASP A 7 4.57 24.99 -11.32
C ASP A 7 5.08 24.07 -10.21
N GLU A 8 4.67 24.35 -8.97
CA GLU A 8 5.06 23.53 -7.83
C GLU A 8 4.23 22.26 -7.76
N GLN A 9 2.97 22.35 -8.15
CA GLN A 9 2.07 21.20 -8.09
C GLN A 9 2.45 20.13 -9.12
N MET A 10 3.00 20.57 -10.24
CA MET A 10 3.37 19.63 -11.29
C MET A 10 4.74 19.01 -11.04
N GLN A 11 5.57 19.70 -10.25
CA GLN A 11 6.87 19.16 -9.88
C GLN A 11 6.72 18.00 -8.93
N ILE A 12 5.79 18.13 -7.99
CA ILE A 12 5.56 17.07 -7.01
C ILE A 12 4.87 15.87 -7.68
N ILE A 13 4.15 16.14 -8.75
CA ILE A 13 3.54 15.06 -9.53
C ILE A 13 4.61 14.27 -10.27
N ASN A 14 5.49 14.99 -10.99
CA ASN A 14 6.60 14.35 -11.68
C ASN A 14 7.38 13.43 -10.75
N SER A 15 7.66 13.92 -9.54
CA SER A 15 8.43 13.15 -8.57
C SER A 15 7.69 11.88 -8.17
N LEU A 16 6.43 12.04 -7.79
CA LEU A 16 5.62 10.91 -7.34
C LEU A 16 5.45 9.84 -8.42
N VAL A 17 5.23 10.29 -9.67
CA VAL A 17 5.03 9.37 -10.77
C VAL A 17 6.32 8.64 -11.12
N GLU A 18 7.45 9.31 -10.97
CA GLU A 18 8.74 8.71 -11.21
C GLU A 18 9.06 7.72 -10.08
N ALA A 19 8.75 8.13 -8.86
CA ALA A 19 8.99 7.31 -7.68
C ALA A 19 8.27 5.98 -7.80
N HIS A 20 7.07 6.01 -8.38
CA HIS A 20 6.28 4.80 -8.55
C HIS A 20 6.83 3.92 -9.67
N HIS A 21 7.33 4.55 -10.72
CA HIS A 21 7.94 3.81 -11.81
C HIS A 21 9.22 3.13 -11.36
N LYS A 22 9.92 3.74 -10.40
CA LYS A 22 11.18 3.21 -9.90
C LYS A 22 10.93 2.04 -8.97
N THR A 23 9.71 1.93 -8.45
CA THR A 23 9.40 0.97 -7.40
C THR A 23 8.25 0.02 -7.73
N TYR A 24 7.76 0.06 -8.96
CA TYR A 24 6.69 -0.84 -9.38
C TYR A 24 6.95 -1.44 -10.76
N ASP A 25 7.11 -2.76 -10.78
CA ASP A 25 7.43 -3.48 -12.01
C ASP A 25 6.17 -4.11 -12.61
N ASP A 26 5.82 -3.67 -13.82
CA ASP A 26 4.63 -4.19 -14.50
C ASP A 26 4.85 -5.60 -15.04
N SER A 27 6.11 -6.03 -15.10
CA SER A 27 6.42 -7.39 -15.56
C SER A 27 6.37 -8.39 -14.41
N TYR A 28 6.54 -7.90 -13.18
CA TYR A 28 6.53 -8.76 -12.01
C TYR A 28 7.56 -9.87 -12.18
N SER A 29 8.76 -9.49 -12.59
CA SER A 29 9.79 -10.46 -12.92
C SER A 29 10.53 -10.96 -11.69
N ASP A 30 10.41 -10.21 -10.60
CA ASP A 30 11.07 -10.58 -9.35
C ASP A 30 10.32 -11.67 -8.60
N PHE A 31 9.12 -12.00 -9.06
CA PHE A 31 8.27 -12.96 -8.37
C PHE A 31 8.85 -14.37 -8.38
N VAL A 32 9.70 -14.66 -9.36
CA VAL A 32 10.33 -15.98 -9.46
C VAL A 32 11.31 -16.20 -8.32
N ARG A 33 11.74 -15.11 -7.68
CA ARG A 33 12.69 -15.20 -6.58
C ARG A 33 12.02 -15.46 -5.23
N PHE A 34 10.70 -15.42 -5.21
CA PHE A 34 9.95 -15.73 -3.99
C PHE A 34 9.79 -17.24 -3.85
N ARG A 35 9.63 -17.71 -2.63
CA ARG A 35 9.26 -19.10 -2.40
C ARG A 35 8.02 -19.41 -3.24
N PRO A 36 8.07 -20.51 -3.99
CA PRO A 36 6.99 -20.86 -4.93
C PRO A 36 5.62 -20.92 -4.26
N PRO A 37 4.57 -20.59 -5.01
CA PRO A 37 3.19 -20.73 -4.52
C PRO A 37 2.80 -22.19 -4.47
N VAL A 38 1.96 -22.57 -3.51
CA VAL A 38 1.46 -23.93 -3.43
C VAL A 38 -0.05 -23.95 -3.19
N ARG A 39 -0.77 -24.65 -4.06
CA ARG A 39 -2.23 -24.70 -3.98
C ARG A 39 -2.75 -26.14 -3.95
N ARG A 100 -1.55 -27.42 5.54
CA ARG A 100 -2.41 -26.26 5.31
C ARG A 100 -1.65 -24.95 5.48
N LEU A 101 -2.16 -23.89 4.84
CA LEU A 101 -1.47 -22.61 4.76
C LEU A 101 -0.28 -22.65 3.80
N SER A 102 -0.49 -23.30 2.67
CA SER A 102 0.57 -23.52 1.68
C SER A 102 1.00 -22.24 0.96
N MET A 103 0.10 -21.27 0.87
CA MET A 103 0.39 -20.04 0.14
C MET A 103 1.08 -19.00 1.02
N LEU A 104 1.12 -19.26 2.32
CA LEU A 104 1.75 -18.34 3.26
C LEU A 104 3.20 -17.96 2.88
N PRO A 105 4.02 -18.94 2.49
CA PRO A 105 5.40 -18.55 2.17
C PRO A 105 5.51 -17.64 0.95
N HIS A 106 4.82 -17.98 -0.12
CA HIS A 106 4.85 -17.13 -1.31
C HIS A 106 4.32 -15.74 -1.01
N LEU A 107 3.15 -15.69 -0.38
CA LEU A 107 2.50 -14.42 -0.08
C LEU A 107 3.28 -13.59 0.93
N ALA A 108 3.98 -14.26 1.85
CA ALA A 108 4.81 -13.56 2.82
C ALA A 108 5.98 -12.89 2.10
N ASP A 109 6.53 -13.59 1.11
CA ASP A 109 7.62 -13.05 0.32
C ASP A 109 7.13 -11.91 -0.58
N LEU A 110 5.95 -12.08 -1.16
CA LEU A 110 5.33 -11.04 -1.98
C LEU A 110 5.13 -9.75 -1.18
N VAL A 111 4.54 -9.88 0.01
CA VAL A 111 4.29 -8.75 0.88
C VAL A 111 5.59 -8.12 1.38
N SER A 112 6.59 -8.95 1.69
CA SER A 112 7.87 -8.46 2.18
C SER A 112 8.56 -7.64 1.09
N TYR A 113 8.61 -8.20 -0.10
CA TYR A 113 9.10 -7.51 -1.28
C TYR A 113 8.37 -6.17 -1.48
N SER A 114 7.04 -6.21 -1.41
CA SER A 114 6.25 -5.01 -1.62
C SER A 114 6.52 -3.95 -0.57
N ILE A 115 6.79 -4.39 0.65
CA ILE A 115 7.11 -3.46 1.74
C ILE A 115 8.39 -2.69 1.42
N GLN A 116 9.38 -3.39 0.89
CA GLN A 116 10.62 -2.74 0.51
C GLN A 116 10.36 -1.71 -0.58
N LYS A 117 9.46 -2.05 -1.50
CA LYS A 117 9.11 -1.16 -2.59
C LYS A 117 8.39 0.07 -2.05
N VAL A 118 7.45 -0.14 -1.14
CA VAL A 118 6.71 0.95 -0.53
C VAL A 118 7.63 1.90 0.23
N ILE A 119 8.66 1.34 0.86
CA ILE A 119 9.66 2.15 1.57
C ILE A 119 10.42 3.03 0.58
N GLY A 120 10.83 2.43 -0.53
CA GLY A 120 11.53 3.17 -1.58
C GLY A 120 10.69 4.28 -2.14
N PHE A 121 9.40 4.01 -2.34
CA PHE A 121 8.45 5.00 -2.84
C PHE A 121 8.28 6.13 -1.83
N ALA A 122 8.02 5.75 -0.58
CA ALA A 122 7.81 6.71 0.50
C ALA A 122 8.97 7.70 0.59
N LYS A 123 10.18 7.19 0.52
CA LYS A 123 11.37 8.01 0.67
C LYS A 123 11.41 9.13 -0.37
N MET A 124 10.71 8.92 -1.49
CA MET A 124 10.72 9.89 -2.57
C MET A 124 9.50 10.81 -2.54
N ILE A 125 8.59 10.57 -1.60
CA ILE A 125 7.45 11.45 -1.39
C ILE A 125 7.94 12.79 -0.85
N PRO A 126 7.62 13.89 -1.55
CA PRO A 126 8.03 15.25 -1.18
C PRO A 126 7.74 15.58 0.29
N GLY A 127 8.79 15.70 1.09
CA GLY A 127 8.64 16.04 2.50
C GLY A 127 8.83 14.88 3.45
N PHE A 128 8.77 13.66 2.92
CA PHE A 128 8.85 12.47 3.77
C PHE A 128 10.22 12.36 4.45
N ARG A 129 11.28 12.51 3.66
CA ARG A 129 12.64 12.41 4.18
C ARG A 129 12.94 13.49 5.24
N ASP A 130 12.14 14.54 5.25
CA ASP A 130 12.36 15.65 6.18
C ASP A 130 11.75 15.35 7.55
N LEU A 131 11.08 14.22 7.67
CA LEU A 131 10.46 13.81 8.92
C LEU A 131 11.45 13.07 9.82
N THR A 132 11.09 12.90 11.09
CA THR A 132 11.93 12.16 12.03
C THR A 132 11.90 10.68 11.67
N ALA A 133 13.00 9.98 11.91
CA ALA A 133 13.07 8.55 11.65
C ALA A 133 11.90 7.86 12.34
N GLU A 134 11.54 8.35 13.51
CA GLU A 134 10.43 7.79 14.28
C GLU A 134 9.12 7.93 13.52
N ASP A 135 8.78 9.16 13.16
CA ASP A 135 7.55 9.44 12.42
C ASP A 135 7.49 8.66 11.11
N GLN A 136 8.60 8.64 10.38
CA GLN A 136 8.67 7.87 9.16
C GLN A 136 8.29 6.42 9.41
N ILE A 137 8.78 5.86 10.51
CA ILE A 137 8.51 4.48 10.88
C ILE A 137 7.06 4.30 11.31
N ALA A 138 6.56 5.22 12.12
CA ALA A 138 5.18 5.18 12.59
C ALA A 138 4.20 5.23 11.42
N LEU A 139 4.56 5.97 10.38
CA LEU A 139 3.71 6.13 9.20
C LEU A 139 3.76 4.88 8.33
N LEU A 140 4.96 4.37 8.12
CA LEU A 140 5.17 3.17 7.30
C LEU A 140 4.57 1.93 7.96
N LYS A 141 4.78 1.78 9.26
CA LYS A 141 4.28 0.61 9.97
C LYS A 141 2.76 0.57 9.94
N SER A 142 2.14 1.74 10.03
CA SER A 142 0.69 1.85 10.13
C SER A 142 -0.02 1.77 8.78
N SER A 143 0.65 2.20 7.72
CA SER A 143 0.00 2.30 6.42
C SER A 143 0.55 1.33 5.38
N ALA A 144 1.61 0.62 5.73
CA ALA A 144 2.27 -0.29 4.80
C ALA A 144 1.26 -1.18 4.10
N ILE A 145 0.41 -1.83 4.89
CA ILE A 145 -0.58 -2.74 4.34
C ILE A 145 -1.58 -2.02 3.43
N GLU A 146 -1.95 -0.79 3.79
CA GLU A 146 -2.87 0.00 2.98
C GLU A 146 -2.24 0.40 1.64
N ILE A 147 -0.96 0.77 1.67
CA ILE A 147 -0.27 1.12 0.44
C ILE A 147 -0.14 -0.09 -0.46
N ILE A 148 0.06 -1.25 0.15
CA ILE A 148 0.16 -2.50 -0.60
C ILE A 148 -1.18 -2.82 -1.27
N MET A 149 -2.26 -2.68 -0.51
CA MET A 149 -3.60 -2.90 -1.02
C MET A 149 -3.93 -1.93 -2.17
N LEU A 150 -3.47 -0.69 -2.04
CA LEU A 150 -3.67 0.30 -3.09
C LEU A 150 -2.87 -0.06 -4.35
N ARG A 151 -1.59 -0.33 -4.18
CA ARG A 151 -0.69 -0.54 -5.30
C ARG A 151 -1.03 -1.81 -6.08
N SER A 152 -1.65 -2.77 -5.41
CA SER A 152 -1.99 -4.05 -6.04
C SER A 152 -3.14 -3.89 -7.02
N ASN A 153 -3.96 -2.86 -6.85
CA ASN A 153 -5.06 -2.59 -7.76
C ASN A 153 -4.55 -2.59 -9.21
N GLN A 154 -3.30 -2.17 -9.37
CA GLN A 154 -2.67 -2.13 -10.68
C GLN A 154 -2.48 -3.51 -11.31
N SER A 155 -2.51 -4.56 -10.50
CA SER A 155 -2.46 -5.92 -11.06
C SER A 155 -3.83 -6.61 -11.05
N PHE A 156 -4.75 -6.07 -10.24
CA PHE A 156 -6.09 -6.62 -10.14
C PHE A 156 -6.85 -6.54 -11.47
N SER A 157 -7.64 -7.57 -11.77
CA SER A 157 -8.39 -7.62 -13.01
C SER A 157 -9.86 -7.93 -12.75
N LEU A 158 -10.74 -7.14 -13.36
CA LEU A 158 -12.18 -7.29 -13.13
C LEU A 158 -12.73 -8.52 -13.85
N GLU A 159 -12.13 -8.86 -14.98
CA GLU A 159 -12.57 -10.01 -15.76
C GLU A 159 -12.60 -11.29 -14.91
N ASP A 160 -11.61 -11.46 -14.05
CA ASP A 160 -11.48 -12.68 -13.28
C ASP A 160 -11.50 -12.47 -11.76
N MET A 161 -11.58 -11.21 -11.34
CA MET A 161 -11.68 -10.88 -9.92
C MET A 161 -10.47 -11.39 -9.15
N SER A 162 -9.28 -11.16 -9.70
CA SER A 162 -8.06 -11.64 -9.10
C SER A 162 -6.87 -10.80 -9.55
N TRP A 163 -5.82 -10.78 -8.75
CA TRP A 163 -4.58 -10.11 -9.12
C TRP A 163 -3.82 -10.99 -10.09
N SER A 164 -3.59 -10.51 -11.30
CA SER A 164 -2.92 -11.29 -12.33
C SER A 164 -1.50 -10.81 -12.57
N CYS A 165 -0.53 -11.51 -11.98
CA CYS A 165 0.87 -11.12 -12.08
C CYS A 165 1.67 -12.02 -13.01
N GLY A 166 0.99 -12.89 -13.74
CA GLY A 166 1.63 -13.73 -14.74
C GLY A 166 1.38 -15.21 -14.58
N GLY A 167 0.70 -15.80 -15.56
CA GLY A 167 0.46 -17.23 -15.59
C GLY A 167 -0.34 -17.71 -14.39
N PRO A 168 -0.62 -19.03 -14.35
CA PRO A 168 -1.36 -19.63 -13.23
C PRO A 168 -0.61 -19.46 -11.92
N ASP A 169 0.72 -19.46 -11.97
CA ASP A 169 1.54 -19.36 -10.78
C ASP A 169 1.27 -18.07 -10.01
N PHE A 170 1.43 -16.94 -10.70
CA PHE A 170 1.31 -15.64 -10.05
C PHE A 170 -0.04 -14.97 -10.30
N LYS A 171 -1.07 -15.78 -10.49
CA LYS A 171 -2.44 -15.29 -10.55
C LYS A 171 -3.11 -15.61 -9.23
N TYR A 172 -3.32 -14.57 -8.43
CA TYR A 172 -3.85 -14.76 -7.07
C TYR A 172 -5.35 -14.53 -6.99
N CYS A 173 -6.08 -15.59 -6.66
CA CYS A 173 -7.51 -15.48 -6.44
C CYS A 173 -7.80 -15.46 -4.94
N ILE A 174 -9.04 -15.18 -4.58
CA ILE A 174 -9.42 -15.02 -3.18
C ILE A 174 -9.11 -16.29 -2.41
N ASN A 175 -9.24 -17.43 -3.07
CA ASN A 175 -9.00 -18.72 -2.46
C ASN A 175 -7.55 -18.88 -2.01
N ASP A 176 -6.63 -18.44 -2.86
CA ASP A 176 -5.20 -18.55 -2.57
C ASP A 176 -4.86 -17.91 -1.23
N VAL A 177 -5.47 -16.76 -0.96
CA VAL A 177 -5.17 -16.02 0.26
C VAL A 177 -5.72 -16.71 1.49
N THR A 178 -6.77 -17.52 1.32
CA THR A 178 -7.33 -18.28 2.42
C THR A 178 -6.36 -19.37 2.85
N LYS A 179 -5.51 -19.80 1.91
CA LYS A 179 -4.47 -20.78 2.21
C LYS A 179 -3.23 -20.06 2.71
N ALA A 180 -3.42 -18.82 3.16
CA ALA A 180 -2.34 -18.05 3.76
C ALA A 180 -2.76 -17.43 5.10
N GLY A 181 -3.85 -17.95 5.66
CA GLY A 181 -4.26 -17.57 7.01
C GLY A 181 -5.32 -16.47 7.10
N HIS A 182 -6.04 -16.24 6.01
CA HIS A 182 -7.07 -15.20 6.00
C HIS A 182 -8.43 -15.76 5.58
N THR A 183 -9.48 -15.37 6.32
CA THR A 183 -10.83 -15.84 6.04
C THR A 183 -11.54 -14.91 5.06
N LEU A 184 -12.60 -15.42 4.42
CA LEU A 184 -13.40 -14.62 3.51
C LEU A 184 -14.07 -13.47 4.28
N GLU A 185 -14.15 -13.63 5.60
CA GLU A 185 -14.69 -12.60 6.47
C GLU A 185 -13.92 -11.28 6.30
N HIS A 186 -12.71 -11.39 5.76
CA HIS A 186 -11.87 -10.22 5.53
C HIS A 186 -11.58 -10.05 4.05
N LEU A 187 -11.49 -11.19 3.35
CA LEU A 187 -11.13 -11.18 1.94
C LEU A 187 -12.25 -10.61 1.06
N GLU A 188 -13.49 -10.77 1.49
CA GLU A 188 -14.62 -10.23 0.74
C GLU A 188 -14.52 -8.71 0.54
N PRO A 189 -14.43 -7.95 1.64
CA PRO A 189 -14.35 -6.49 1.54
C PRO A 189 -13.15 -6.02 0.70
N LEU A 190 -12.05 -6.76 0.76
CA LEU A 190 -10.84 -6.40 0.03
C LEU A 190 -11.05 -6.48 -1.48
N VAL A 191 -11.70 -7.54 -1.93
CA VAL A 191 -12.00 -7.71 -3.34
C VAL A 191 -12.97 -6.64 -3.78
N LYS A 192 -14.01 -6.44 -2.98
CA LYS A 192 -15.00 -5.41 -3.25
C LYS A 192 -14.30 -4.06 -3.36
N PHE A 193 -13.31 -3.85 -2.50
CA PHE A 193 -12.55 -2.61 -2.52
C PHE A 193 -11.79 -2.47 -3.84
N GLN A 194 -11.12 -3.54 -4.26
CA GLN A 194 -10.36 -3.53 -5.50
C GLN A 194 -11.26 -3.23 -6.71
N VAL A 195 -12.45 -3.82 -6.72
CA VAL A 195 -13.39 -3.63 -7.82
C VAL A 195 -13.84 -2.17 -7.89
N GLY A 196 -14.22 -1.61 -6.75
CA GLY A 196 -14.62 -0.22 -6.68
C GLY A 196 -13.49 0.71 -7.06
N LEU A 197 -12.28 0.34 -6.68
CA LEU A 197 -11.09 1.14 -6.97
C LEU A 197 -10.76 1.08 -8.46
N LYS A 198 -10.87 -0.10 -9.04
CA LYS A 198 -10.59 -0.29 -10.46
C LYS A 198 -11.62 0.45 -11.29
N LYS A 199 -12.88 0.35 -10.88
CA LYS A 199 -13.98 1.00 -11.58
C LYS A 199 -13.81 2.52 -11.63
N LEU A 200 -13.01 3.07 -10.73
CA LEU A 200 -12.74 4.50 -10.72
C LEU A 200 -11.83 4.90 -11.88
N LYS A 201 -11.19 3.91 -12.51
CA LYS A 201 -10.29 4.14 -13.64
C LYS A 201 -9.35 5.32 -13.38
N LEU A 202 -8.68 5.30 -12.25
CA LEU A 202 -7.76 6.37 -11.87
C LEU A 202 -6.67 6.63 -12.90
N HIS A 203 -6.38 7.91 -13.12
CA HIS A 203 -5.17 8.31 -13.83
C HIS A 203 -3.99 7.87 -12.98
N GLU A 204 -2.85 7.63 -13.62
CA GLU A 204 -1.65 7.23 -12.91
C GLU A 204 -1.29 8.29 -11.88
N GLU A 205 -1.49 9.55 -12.27
CA GLU A 205 -1.23 10.69 -11.40
C GLU A 205 -2.08 10.63 -10.14
N GLU A 206 -3.32 10.20 -10.29
CA GLU A 206 -4.26 10.12 -9.18
C GLU A 206 -3.96 8.92 -8.28
N HIS A 207 -3.71 7.77 -8.92
CA HIS A 207 -3.36 6.55 -8.20
C HIS A 207 -2.15 6.82 -7.31
N VAL A 208 -1.14 7.42 -7.92
CA VAL A 208 0.11 7.74 -7.22
C VAL A 208 -0.12 8.75 -6.09
N LEU A 209 -0.91 9.78 -6.38
CA LEU A 209 -1.23 10.80 -5.39
C LEU A 209 -1.98 10.19 -4.21
N LEU A 210 -2.86 9.25 -4.50
CA LEU A 210 -3.64 8.58 -3.47
C LEU A 210 -2.73 7.80 -2.52
N MET A 211 -1.78 7.05 -3.08
CA MET A 211 -0.82 6.31 -2.26
C MET A 211 -0.08 7.25 -1.31
N ALA A 212 0.40 8.37 -1.85
CA ALA A 212 1.19 9.31 -1.05
C ALA A 212 0.35 10.02 0.02
N ILE A 213 -0.93 10.23 -0.27
CA ILE A 213 -1.82 10.85 0.70
C ILE A 213 -2.18 9.87 1.82
N CYS A 214 -2.41 8.62 1.42
CA CYS A 214 -2.61 7.53 2.38
C CYS A 214 -1.44 7.45 3.34
N LEU A 215 -0.23 7.41 2.78
CA LEU A 215 0.99 7.27 3.55
C LEU A 215 1.16 8.41 4.56
N LEU A 216 0.84 9.63 4.12
CA LEU A 216 1.03 10.80 4.98
C LEU A 216 -0.20 11.14 5.81
N SER A 217 -0.99 10.12 6.15
CA SER A 217 -2.15 10.33 7.01
C SER A 217 -1.70 10.66 8.42
N PRO A 218 -2.29 11.71 9.01
CA PRO A 218 -1.96 12.18 10.37
C PRO A 218 -2.43 11.22 11.45
N ASP A 219 -3.64 10.69 11.30
CA ASP A 219 -4.24 9.82 12.30
C ASP A 219 -3.65 8.40 12.27
N ARG A 220 -2.43 8.27 12.76
CA ARG A 220 -1.77 6.97 12.87
C ARG A 220 -1.17 6.79 14.26
N PRO A 221 -1.30 5.58 14.82
CA PRO A 221 -0.67 5.32 16.12
C PRO A 221 0.84 5.55 16.06
N GLY A 222 1.39 6.28 17.03
CA GLY A 222 2.81 6.50 17.11
C GLY A 222 3.30 7.82 16.54
N VAL A 223 2.50 8.42 15.67
CA VAL A 223 2.84 9.71 15.08
C VAL A 223 3.10 10.77 16.15
N GLN A 224 4.18 11.53 15.98
CA GLN A 224 4.55 12.56 16.94
C GLN A 224 4.23 13.95 16.40
N ASP A 225 4.81 14.29 15.25
CA ASP A 225 4.62 15.61 14.66
C ASP A 225 3.42 15.62 13.70
N HIS A 226 2.23 15.40 14.24
CA HIS A 226 1.02 15.31 13.42
C HIS A 226 0.60 16.67 12.85
N VAL A 227 1.43 17.68 13.06
CA VAL A 227 1.18 19.00 12.50
C VAL A 227 1.83 19.12 11.13
N ARG A 228 3.10 18.72 11.05
CA ARG A 228 3.82 18.76 9.79
C ARG A 228 3.28 17.70 8.82
N ILE A 229 2.95 16.53 9.34
CA ILE A 229 2.43 15.45 8.51
C ILE A 229 1.14 15.89 7.82
N GLU A 230 0.20 16.42 8.61
CA GLU A 230 -1.06 16.88 8.06
C GLU A 230 -0.85 17.96 7.01
N ALA A 231 0.15 18.82 7.23
CA ALA A 231 0.48 19.88 6.29
C ALA A 231 0.93 19.29 4.95
N LEU A 232 1.83 18.31 5.02
CA LEU A 232 2.31 17.63 3.83
C LEU A 232 1.17 16.93 3.10
N GLN A 233 0.29 16.30 3.87
CA GLN A 233 -0.86 15.62 3.29
C GLN A 233 -1.85 16.59 2.64
N ASP A 234 -2.10 17.72 3.31
CA ASP A 234 -2.98 18.74 2.76
C ASP A 234 -2.41 19.27 1.46
N ARG A 235 -1.13 19.59 1.48
CA ARG A 235 -0.42 20.02 0.29
C ARG A 235 -0.64 19.02 -0.86
N LEU A 236 -0.71 17.74 -0.52
CA LEU A 236 -0.92 16.67 -1.50
C LEU A 236 -2.36 16.60 -1.98
N CYS A 237 -3.30 16.70 -1.04
CA CYS A 237 -4.72 16.69 -1.39
C CYS A 237 -5.08 17.81 -2.34
N ASP A 238 -4.49 18.99 -2.11
CA ASP A 238 -4.72 20.13 -2.98
C ASP A 238 -4.29 19.79 -4.39
N VAL A 239 -3.11 19.21 -4.50
CA VAL A 239 -2.58 18.80 -5.80
C VAL A 239 -3.57 17.86 -6.48
N LEU A 240 -4.10 16.92 -5.72
CA LEU A 240 -5.01 15.92 -6.28
C LEU A 240 -6.32 16.55 -6.74
N GLN A 241 -6.91 17.37 -5.87
CA GLN A 241 -8.19 18.01 -6.17
C GLN A 241 -8.07 18.94 -7.37
N ALA A 242 -6.90 19.54 -7.54
CA ALA A 242 -6.64 20.43 -8.66
C ALA A 242 -6.38 19.65 -9.94
N TYR A 243 -5.63 18.56 -9.84
CA TYR A 243 -5.37 17.72 -11.01
C TYR A 243 -6.67 17.17 -11.59
N ILE A 244 -7.54 16.67 -10.73
CA ILE A 244 -8.80 16.10 -11.17
C ILE A 244 -9.68 17.15 -11.84
N ARG A 245 -9.84 18.28 -11.15
CA ARG A 245 -10.61 19.40 -11.66
C ARG A 245 -10.13 19.84 -13.03
N ILE A 246 -8.82 19.93 -13.20
CA ILE A 246 -8.25 20.48 -14.42
C ILE A 246 -8.02 19.45 -15.52
N GLN A 247 -7.46 18.30 -15.16
CA GLN A 247 -6.99 17.33 -16.14
C GLN A 247 -7.89 16.11 -16.34
N HIS A 248 -8.93 15.98 -15.53
CA HIS A 248 -9.75 14.77 -15.58
C HIS A 248 -11.22 15.08 -15.79
N PRO A 249 -11.69 14.97 -17.04
CA PRO A 249 -13.08 15.29 -17.39
C PRO A 249 -14.07 14.39 -16.65
N GLY A 250 -15.21 14.95 -16.25
CA GLY A 250 -16.21 14.19 -15.52
C GLY A 250 -15.76 13.75 -14.15
N GLY A 251 -14.70 14.37 -13.63
CA GLY A 251 -14.15 13.98 -12.34
C GLY A 251 -14.59 14.87 -11.19
N ARG A 252 -15.61 15.68 -11.44
CA ARG A 252 -16.14 16.59 -10.43
C ARG A 252 -16.52 15.89 -9.13
N LEU A 253 -16.84 14.60 -9.22
CA LEU A 253 -17.23 13.84 -8.04
C LEU A 253 -16.13 12.86 -7.62
N LEU A 254 -15.11 12.74 -8.45
CA LEU A 254 -14.07 11.72 -8.26
C LEU A 254 -13.30 11.86 -6.94
N TYR A 255 -12.78 13.06 -6.68
CA TYR A 255 -11.99 13.32 -5.49
C TYR A 255 -12.66 12.75 -4.24
N ALA A 256 -13.92 13.11 -4.04
CA ALA A 256 -14.68 12.68 -2.87
C ALA A 256 -14.72 11.17 -2.75
N LYS A 257 -14.88 10.50 -3.90
CA LYS A 257 -14.92 9.04 -3.91
C LYS A 257 -13.57 8.43 -3.52
N MET A 258 -12.49 9.12 -3.87
CA MET A 258 -11.16 8.64 -3.53
C MET A 258 -10.91 8.75 -2.03
N ILE A 259 -11.44 9.80 -1.41
CA ILE A 259 -11.30 9.99 0.01
C ILE A 259 -12.05 8.92 0.79
N GLN A 260 -13.24 8.56 0.29
CA GLN A 260 -14.02 7.49 0.91
C GLN A 260 -13.25 6.18 0.87
N LYS A 261 -12.45 5.98 -0.17
CA LYS A 261 -11.65 4.77 -0.31
C LYS A 261 -10.61 4.69 0.81
N LEU A 262 -10.07 5.84 1.20
CA LEU A 262 -9.13 5.89 2.31
C LEU A 262 -9.77 5.37 3.59
N ALA A 263 -11.02 5.76 3.81
CA ALA A 263 -11.77 5.25 4.96
C ALA A 263 -11.92 3.74 4.88
N ASP A 264 -12.17 3.24 3.67
CA ASP A 264 -12.29 1.80 3.44
C ASP A 264 -11.00 1.11 3.86
N LEU A 265 -9.88 1.73 3.51
CA LEU A 265 -8.56 1.16 3.79
C LEU A 265 -8.32 1.00 5.28
N ARG A 266 -8.78 1.97 6.06
CA ARG A 266 -8.68 1.88 7.52
C ARG A 266 -9.36 0.61 8.01
N SER A 267 -10.55 0.35 7.48
CA SER A 267 -11.31 -0.84 7.85
C SER A 267 -10.61 -2.12 7.41
N LEU A 268 -10.12 -2.15 6.18
CA LEU A 268 -9.38 -3.30 5.66
C LEU A 268 -8.12 -3.53 6.48
N ASN A 269 -7.45 -2.43 6.83
CA ASN A 269 -6.26 -2.49 7.66
C ASN A 269 -6.57 -3.14 8.99
N GLU A 270 -7.61 -2.64 9.64
CA GLU A 270 -8.02 -3.16 10.94
C GLU A 270 -8.29 -4.65 10.87
N GLU A 271 -8.94 -5.08 9.79
CA GLU A 271 -9.34 -6.47 9.64
C GLU A 271 -8.15 -7.36 9.33
N HIS A 272 -7.19 -6.85 8.57
CA HIS A 272 -5.99 -7.61 8.27
C HIS A 272 -5.15 -7.81 9.54
N SER A 273 -4.96 -6.73 10.29
CA SER A 273 -4.11 -6.78 11.47
C SER A 273 -4.62 -7.79 12.50
N LYS A 274 -5.91 -8.09 12.44
CA LYS A 274 -6.50 -9.06 13.36
C LYS A 274 -6.20 -10.51 12.93
N GLN A 275 -6.37 -10.78 11.64
CA GLN A 275 -5.98 -12.09 11.09
C GLN A 275 -4.49 -12.31 11.24
N TYR A 276 -3.72 -11.25 10.98
CA TYR A 276 -2.26 -11.33 11.07
C TYR A 276 -1.79 -11.60 12.50
N ARG A 277 -2.51 -11.04 13.47
CA ARG A 277 -2.16 -11.21 14.87
C ARG A 277 -2.17 -12.69 15.25
N SER A 278 -3.15 -13.43 14.74
CA SER A 278 -3.26 -14.85 15.00
C SER A 278 -2.11 -15.61 14.35
N LEU A 279 -1.76 -15.24 13.13
CA LEU A 279 -0.63 -15.85 12.44
C LEU A 279 0.64 -15.62 13.24
N SER A 280 0.90 -14.37 13.57
CA SER A 280 2.13 -13.99 14.26
C SER A 280 2.25 -14.63 15.64
N PHE A 281 1.12 -15.03 16.21
CA PHE A 281 1.12 -15.65 17.54
C PHE A 281 1.33 -17.16 17.49
N GLN A 282 1.14 -17.75 16.31
CA GLN A 282 1.40 -19.18 16.12
C GLN A 282 2.78 -19.36 15.49
N PRO A 283 3.78 -19.71 16.32
CA PRO A 283 5.18 -19.83 15.91
C PRO A 283 5.38 -20.68 14.65
N GLU A 284 4.57 -21.72 14.49
CA GLU A 284 4.68 -22.57 13.30
C GLU A 284 4.31 -21.79 12.04
N HIS A 285 3.48 -20.77 12.20
CA HIS A 285 3.12 -19.91 11.08
C HIS A 285 4.02 -18.70 11.00
N SER A 286 4.33 -18.11 12.16
CA SER A 286 5.15 -16.91 12.19
C SER A 286 6.53 -17.20 11.60
N MET A 287 7.00 -18.43 11.75
CA MET A 287 8.31 -18.80 11.24
C MET A 287 8.35 -18.73 9.72
N GLN A 288 7.18 -18.79 9.09
CA GLN A 288 7.09 -18.73 7.63
C GLN A 288 7.12 -17.29 7.10
N LEU A 289 6.98 -16.32 7.99
CA LEU A 289 7.08 -14.92 7.61
C LEU A 289 8.53 -14.52 7.40
N THR A 290 8.75 -13.28 7.01
CA THR A 290 10.10 -12.76 6.84
C THR A 290 10.40 -11.78 7.97
N PRO A 291 11.70 -11.51 8.19
CA PRO A 291 12.08 -10.55 9.24
C PRO A 291 11.42 -9.18 9.04
N LEU A 292 11.40 -8.69 7.80
CA LEU A 292 10.80 -7.38 7.51
C LEU A 292 9.33 -7.34 7.86
N VAL A 293 8.57 -8.32 7.36
CA VAL A 293 7.16 -8.43 7.70
C VAL A 293 6.91 -8.44 9.21
N LEU A 294 7.66 -9.28 9.92
CA LEU A 294 7.50 -9.38 11.37
C LEU A 294 7.77 -8.05 12.05
N GLU A 295 8.78 -7.34 11.57
CA GLU A 295 9.16 -6.06 12.17
C GLU A 295 8.15 -4.96 11.85
N VAL A 296 7.80 -4.84 10.57
CA VAL A 296 6.87 -3.80 10.12
C VAL A 296 5.45 -4.01 10.63
N PHE A 297 5.00 -5.25 10.70
CA PHE A 297 3.65 -5.53 11.18
C PHE A 297 3.65 -5.87 12.66
N GLY A 298 4.82 -5.76 13.29
CA GLY A 298 4.96 -6.06 14.71
C GLY A 298 4.60 -4.86 15.54
N SER A 299 4.38 -5.08 16.84
CA SER A 299 3.92 -4.00 17.71
C SER A 299 5.02 -3.42 18.60
N GLU A 300 6.27 -3.62 18.23
CA GLU A 300 7.37 -2.99 18.96
C GLU A 300 7.25 -1.48 18.88
N VAL A 301 7.58 -0.80 19.97
CA VAL A 301 7.42 0.65 20.05
C VAL A 301 8.77 1.37 20.06
N SER A 302 8.94 2.32 19.14
CA SER A 302 10.17 3.09 19.07
C SER A 302 10.06 4.40 19.87
N ARG B 1 13.09 -2.33 17.97
CA ARG B 1 13.95 -1.19 17.67
C ARG B 1 13.94 -0.86 16.19
N HIS B 2 13.30 -1.72 15.40
CA HIS B 2 13.15 -1.51 13.95
C HIS B 2 14.50 -1.39 13.24
N LYS B 3 15.37 -2.38 13.43
CA LYS B 3 16.71 -2.33 12.86
C LYS B 3 16.69 -2.33 11.33
N ILE B 4 15.84 -3.18 10.75
CA ILE B 4 15.74 -3.26 9.29
C ILE B 4 15.12 -1.98 8.70
N LEU B 5 14.07 -1.47 9.34
CA LEU B 5 13.42 -0.24 8.87
C LEU B 5 14.36 0.97 8.86
N HIS B 6 15.05 1.19 9.98
CA HIS B 6 16.06 2.24 10.02
C HIS B 6 17.01 2.07 8.85
N ARG B 7 17.54 0.86 8.70
CA ARG B 7 18.51 0.60 7.64
C ARG B 7 17.98 0.97 6.27
N LEU B 8 16.79 0.47 5.93
CA LEU B 8 16.20 0.70 4.61
C LEU B 8 15.85 2.16 4.38
N LEU B 9 15.68 2.92 5.46
CA LEU B 9 15.45 4.34 5.36
C LEU B 9 16.79 5.06 5.24
N GLN B 10 17.72 4.45 4.50
CA GLN B 10 19.07 4.95 4.34
C GLN B 10 19.64 5.48 5.65
O2 VDX C . 0.19 -5.79 -7.73
O3 VDX C . -0.68 -11.43 6.76
C1 VDX C . 1.65 -5.43 -5.23
C2 VDX C . 2.29 -5.93 -6.52
C3 VDX C . 1.29 -6.67 -7.40
C4 VDX C . 0.78 -7.93 -6.69
C5 VDX C . 0.27 -7.59 -5.32
C6 VDX C . -0.82 -8.25 -4.85
C7 VDX C . -1.43 -8.02 -3.54
C8 VDX C . -2.34 -8.88 -3.08
C9 VDX C . -2.74 -10.11 -3.84
C10 VDX C . 0.98 -6.58 -4.54
C11 VDX C . -2.64 -11.35 -2.94
C12 VDX C . -3.21 -11.17 -1.52
C13 VDX C . -2.68 -9.90 -0.88
C14 VDX C . -3.03 -8.72 -1.74
C15 VDX C . -2.71 -7.49 -0.89
C16 VDX C . -3.06 -7.97 0.53
C17 VDX C . -3.37 -9.46 0.41
C18 VDX C . -1.17 -10.00 -0.69
C19 VDX C . 1.07 -6.69 -3.22
C20 VDX C . -3.12 -10.30 1.67
C21 VDX C . -4.36 -10.30 2.56
C22 VDX C . -1.89 -9.88 2.47
C23 VDX C . -1.42 -11.01 3.37
C24 VDX C . -0.61 -10.50 4.55
C25 VDX C . -0.10 -11.61 5.46
C26 VDX C . 1.41 -11.50 5.62
C27 VDX C . -0.46 -13.01 4.95
O1 VDX C . 2.66 -4.89 -4.37
#